data_4PV3
#
_entry.id   4PV3
#
_cell.length_a   57.403
_cell.length_b   103.424
_cell.length_c   124.556
_cell.angle_alpha   90.00
_cell.angle_beta   90.00
_cell.angle_gamma   90.00
#
_symmetry.space_group_name_H-M   'P 21 21 21'
#
loop_
_entity.id
_entity.type
_entity.pdbx_description
1 polymer 'L-ASPARAGINASE ALPHA SUBUNIT'
2 polymer 'L-ASPARAGINASE BETA SUBUNIT'
3 non-polymer 'SODIUM ION'
4 water water
#
loop_
_entity_poly.entity_id
_entity_poly.type
_entity_poly.pdbx_seq_one_letter_code
_entity_poly.pdbx_strand_id
1 'polypeptide(L)'
;GAMGGWAIAVHGGAGVDPTLPLERQEEAKQLLTRCLNLGISALNSNVPAIDVVELVVRELETDPLFNSGRGSALTEKGTV
EMEASIMDGPKRRCGAVSGLTTVKNPISLARLVMDKSPHSYIAFSGAEDFARQQGVEVVDNEYFVTPDNVGMLKLAKEAN
TILFDYRIPSSAYETCGSGVESPLQMNGLPISVYAPE
;
A,C
2 'polypeptide(L)'
;TVGCVVVDREGRCAAATSTGGLMNKMTGRIGDSPLIGAGTYACDVCGVSCTGEGEAIIRGTLAREVAAVMEYKGLKLHQA
VDFVIKHRLDEGKAGLIAVSNTGEVACGFNCNGMFRACATEDGFMEVAIWD
;
B,D
#
# COMPACT_ATOMS: atom_id res chain seq x y z
N GLY A 4 24.98 -0.76 19.75
CA GLY A 4 25.56 -0.52 18.40
C GLY A 4 25.88 -1.79 17.60
N GLY A 5 25.22 -2.92 17.90
CA GLY A 5 25.48 -4.19 17.12
C GLY A 5 24.33 -4.73 16.30
N TRP A 6 24.48 -5.92 15.72
CA TRP A 6 23.40 -6.50 14.91
C TRP A 6 22.21 -7.03 15.72
N ALA A 7 21.02 -7.01 15.10
CA ALA A 7 19.82 -7.58 15.70
C ALA A 7 18.95 -8.12 14.64
N ILE A 8 18.12 -9.10 14.98
CA ILE A 8 17.28 -9.79 14.00
C ILE A 8 16.07 -10.38 14.66
N ALA A 9 14.92 -10.24 13.97
CA ALA A 9 13.71 -10.95 14.42
C ALA A 9 13.16 -11.62 13.18
N VAL A 10 12.48 -12.74 13.42
CA VAL A 10 11.77 -13.51 12.42
C VAL A 10 10.38 -13.79 12.97
N HIS A 11 9.37 -13.84 12.08
CA HIS A 11 8.06 -14.28 12.58
C HIS A 11 7.49 -15.27 11.61
N GLY A 12 6.63 -16.12 12.12
CA GLY A 12 5.86 -17.03 11.22
C GLY A 12 4.38 -16.81 11.35
N GLY A 13 3.98 -15.57 11.63
CA GLY A 13 2.54 -15.29 11.72
C GLY A 13 1.97 -15.11 13.13
N ALA A 14 1.03 -14.18 13.27
CA ALA A 14 0.16 -14.01 14.44
C ALA A 14 -1.08 -14.96 14.34
N GLY A 15 -1.96 -14.89 15.30
CA GLY A 15 -3.20 -15.64 15.21
C GLY A 15 -3.14 -17.10 15.64
N VAL A 16 -2.23 -17.41 16.55
CA VAL A 16 -2.01 -18.79 16.93
C VAL A 16 -3.14 -19.27 17.85
N ASP A 17 -3.68 -20.45 17.57
CA ASP A 17 -4.73 -21.05 18.39
C ASP A 17 -4.15 -21.62 19.69
N PRO A 18 -4.66 -21.19 20.84
CA PRO A 18 -4.15 -21.70 22.13
C PRO A 18 -4.14 -23.20 22.30
N THR A 19 -4.93 -23.94 21.51
CA THR A 19 -4.90 -25.40 21.53
C THR A 19 -3.87 -26.03 20.57
N LEU A 20 -2.98 -25.21 19.97
CA LEU A 20 -1.81 -25.71 19.26
C LEU A 20 -1.26 -26.94 19.86
N PRO A 21 -1.23 -28.04 19.13
CA PRO A 21 -0.61 -29.18 19.74
C PRO A 21 0.92 -29.01 19.96
N LEU A 22 1.38 -29.58 21.06
CA LEU A 22 2.79 -29.60 21.43
C LEU A 22 3.72 -29.94 20.23
N GLU A 23 3.41 -31.01 19.53
CA GLU A 23 4.12 -31.43 18.31
C GLU A 23 4.39 -30.28 17.39
N ARG A 24 3.35 -29.55 17.04
CA ARG A 24 3.48 -28.54 16.11
C ARG A 24 4.22 -27.39 16.75
N GLN A 25 3.99 -27.20 18.05
CA GLN A 25 4.66 -26.12 18.76
C GLN A 25 6.15 -26.31 18.63
N GLU A 26 6.60 -27.55 18.77
CA GLU A 26 8.02 -27.86 18.73
C GLU A 26 8.58 -27.70 17.32
N GLU A 27 7.86 -28.17 16.32
CA GLU A 27 8.24 -27.88 14.91
C GLU A 27 8.40 -26.41 14.64
N ALA A 28 7.46 -25.61 15.10
CA ALA A 28 7.49 -24.22 14.79
C ALA A 28 8.74 -23.62 15.43
N LYS A 29 8.98 -23.97 16.65
CA LYS A 29 10.15 -23.42 17.32
C LYS A 29 11.47 -23.89 16.65
N GLN A 30 11.51 -25.13 16.23
CA GLN A 30 12.69 -25.64 15.58
C GLN A 30 12.93 -24.90 14.29
N LEU A 31 11.85 -24.54 13.58
CA LEU A 31 11.99 -23.86 12.30
C LEU A 31 12.43 -22.41 12.52
N LEU A 32 11.84 -21.75 13.48
CA LEU A 32 12.22 -20.38 13.77
C LEU A 32 13.70 -20.29 14.20
N THR A 33 14.15 -21.26 14.97
CA THR A 33 15.57 -21.34 15.41
C THR A 33 16.45 -21.50 14.22
N ARG A 34 16.08 -22.43 13.35
CA ARG A 34 16.91 -22.63 12.19
C ARG A 34 16.99 -21.39 11.34
N CYS A 35 15.88 -20.71 11.10
CA CYS A 35 15.91 -19.51 10.29
C CYS A 35 16.63 -18.38 10.98
N LEU A 36 16.42 -18.17 12.27
CA LEU A 36 17.16 -17.17 13.01
C LEU A 36 18.69 -17.44 12.96
N ASN A 37 19.10 -18.71 13.10
CA ASN A 37 20.53 -19.05 13.12
C ASN A 37 21.17 -18.77 11.77
N LEU A 38 20.39 -18.89 10.71
CA LEU A 38 20.90 -18.66 9.39
C LEU A 38 21.19 -17.15 9.30
N GLY A 39 20.27 -16.37 9.86
CA GLY A 39 20.39 -14.96 9.85
C GLY A 39 21.54 -14.52 10.74
N ILE A 40 21.73 -15.18 11.88
CA ILE A 40 22.80 -14.81 12.81
C ILE A 40 24.17 -15.02 12.14
N SER A 41 24.26 -16.14 11.46
CA SER A 41 25.45 -16.56 10.88
C SER A 41 25.80 -15.60 9.76
N ALA A 42 24.81 -15.14 8.97
CA ALA A 42 25.07 -14.17 7.87
C ALA A 42 25.50 -12.82 8.46
N LEU A 43 24.87 -12.42 9.56
CA LEU A 43 25.23 -11.18 10.24
C LEU A 43 26.62 -11.25 10.86
N ASN A 44 26.99 -12.41 11.43
CA ASN A 44 28.35 -12.56 12.02
C ASN A 44 29.39 -12.41 10.94
N SER A 45 29.06 -12.80 9.72
CA SER A 45 30.04 -12.63 8.68
C SER A 45 29.75 -11.46 7.73
N ASN A 46 29.07 -10.44 8.26
CA ASN A 46 29.04 -9.09 7.69
C ASN A 46 28.27 -8.93 6.43
N VAL A 47 27.32 -9.85 6.24
CA VAL A 47 26.36 -9.74 5.18
C VAL A 47 25.42 -8.57 5.47
N PRO A 48 25.21 -7.69 4.48
CA PRO A 48 24.23 -6.58 4.62
C PRO A 48 22.78 -7.01 5.03
N ALA A 49 22.19 -6.18 5.89
CA ALA A 49 20.80 -6.32 6.36
C ALA A 49 19.85 -6.78 5.26
N ILE A 50 19.86 -6.05 4.15
CA ILE A 50 19.02 -6.35 3.00
C ILE A 50 19.23 -7.76 2.45
N ASP A 51 20.46 -8.25 2.40
CA ASP A 51 20.67 -9.66 1.97
C ASP A 51 20.25 -10.63 3.06
N VAL A 52 20.42 -10.24 4.32
CA VAL A 52 19.98 -11.15 5.39
C VAL A 52 18.47 -11.43 5.42
N VAL A 53 17.61 -10.39 5.25
CA VAL A 53 16.18 -10.56 5.33
C VAL A 53 15.66 -11.46 4.19
N GLU A 54 16.27 -11.35 3.04
CA GLU A 54 15.89 -12.10 1.90
C GLU A 54 16.24 -13.54 2.11
N LEU A 55 17.45 -13.75 2.58
CA LEU A 55 17.95 -15.07 2.85
C LEU A 55 17.09 -15.84 3.88
N VAL A 56 16.76 -15.18 4.97
CA VAL A 56 15.88 -15.76 6.02
C VAL A 56 14.46 -16.03 5.51
N VAL A 57 13.88 -15.09 4.81
CA VAL A 57 12.56 -15.28 4.27
C VAL A 57 12.56 -16.35 3.19
N ARG A 58 13.61 -16.48 2.40
CA ARG A 58 13.61 -17.62 1.46
C ARG A 58 13.51 -18.95 2.19
N GLU A 59 14.16 -19.08 3.33
CA GLU A 59 14.10 -20.31 4.08
C GLU A 59 12.69 -20.55 4.66
N LEU A 60 12.11 -19.49 5.22
CA LEU A 60 10.70 -19.54 5.65
C LEU A 60 9.71 -19.93 4.51
N GLU A 61 10.01 -19.50 3.27
CA GLU A 61 9.19 -19.83 2.15
C GLU A 61 9.29 -21.23 1.73
N THR A 62 10.51 -21.74 1.68
CA THR A 62 10.81 -23.11 1.36
C THR A 62 10.20 -24.09 2.32
N ASP A 63 10.28 -23.83 3.59
CA ASP A 63 9.73 -24.78 4.54
C ASP A 63 8.18 -24.84 4.47
N PRO A 64 7.62 -26.01 4.39
CA PRO A 64 6.15 -25.99 4.27
C PRO A 64 5.33 -25.63 5.53
N LEU A 65 5.95 -25.41 6.67
CA LEU A 65 5.19 -25.26 7.91
C LEU A 65 4.33 -23.94 7.96
N PHE A 66 4.91 -22.82 7.60
CA PHE A 66 4.24 -21.57 7.76
C PHE A 66 3.60 -21.14 6.38
N ASN A 67 2.71 -20.13 6.45
CA ASN A 67 1.92 -19.69 5.28
C ASN A 67 2.71 -18.73 4.42
N SER A 68 3.63 -19.27 3.63
CA SER A 68 4.21 -18.57 2.49
C SER A 68 4.97 -19.58 1.66
N GLY A 69 5.19 -19.32 0.36
CA GLY A 69 5.94 -20.20 -0.42
C GLY A 69 5.21 -21.53 -0.44
N ARG A 70 5.95 -22.63 -0.34
CA ARG A 70 5.34 -23.93 -0.31
C ARG A 70 4.75 -24.01 1.09
N GLY A 71 3.50 -24.46 1.18
CA GLY A 71 2.76 -24.44 2.46
C GLY A 71 1.82 -23.23 2.54
N SER A 72 1.75 -22.45 1.47
CA SER A 72 0.88 -21.26 1.45
C SER A 72 -0.58 -21.65 1.61
N ALA A 73 -1.37 -20.73 2.13
CA ALA A 73 -2.84 -20.94 2.18
C ALA A 73 -3.38 -21.10 0.75
N LEU A 74 -4.52 -21.76 0.60
CA LEU A 74 -5.09 -21.98 -0.68
C LEU A 74 -6.25 -21.03 -0.94
N THR A 75 -6.42 -20.65 -2.21
CA THR A 75 -7.61 -19.93 -2.66
C THR A 75 -8.82 -20.85 -2.66
N GLU A 76 -10.01 -20.29 -2.87
CA GLU A 76 -11.22 -21.06 -2.97
C GLU A 76 -11.17 -22.22 -4.01
N LYS A 77 -10.41 -22.01 -5.09
CA LYS A 77 -10.27 -22.99 -6.16
C LYS A 77 -9.19 -24.01 -5.81
N GLY A 78 -8.51 -23.82 -4.68
CA GLY A 78 -7.59 -24.83 -4.20
C GLY A 78 -6.15 -24.62 -4.68
N THR A 79 -5.81 -23.40 -5.09
CA THR A 79 -4.49 -23.11 -5.64
C THR A 79 -3.86 -22.01 -4.83
N VAL A 80 -2.65 -21.60 -5.21
CA VAL A 80 -1.82 -20.75 -4.40
C VAL A 80 -1.54 -19.48 -5.17
N GLU A 81 -1.65 -18.36 -4.47
CA GLU A 81 -1.42 -17.05 -5.00
C GLU A 81 -0.69 -16.34 -3.93
N MET A 82 0.53 -15.94 -4.25
CA MET A 82 1.44 -15.49 -3.24
C MET A 82 1.85 -14.07 -3.42
N GLU A 83 2.29 -13.45 -2.35
CA GLU A 83 2.69 -12.05 -2.41
C GLU A 83 3.78 -11.72 -1.40
N ALA A 84 4.55 -10.63 -1.59
CA ALA A 84 5.68 -10.38 -0.69
C ALA A 84 6.16 -8.97 -0.91
N SER A 85 6.77 -8.38 0.09
CA SER A 85 7.44 -7.13 -0.10
C SER A 85 8.75 -7.02 0.71
N ILE A 86 9.60 -6.06 0.31
CA ILE A 86 10.94 -5.90 0.90
C ILE A 86 11.26 -4.44 0.89
N MET A 87 11.99 -3.99 1.90
CA MET A 87 12.38 -2.61 1.93
C MET A 87 13.74 -2.54 2.60
N ASP A 88 14.58 -1.70 1.99
CA ASP A 88 15.88 -1.38 2.48
C ASP A 88 15.89 0.02 3.05
N GLY A 89 16.21 0.10 4.32
CA GLY A 89 16.04 1.31 5.05
C GLY A 89 16.88 2.46 4.65
N PRO A 90 18.16 2.25 4.33
CA PRO A 90 18.97 3.50 4.24
C PRO A 90 18.54 4.47 3.16
N LYS A 91 18.02 3.97 2.06
CA LYS A 91 17.47 4.89 1.03
C LYS A 91 15.98 4.62 0.76
N ARG A 92 15.36 3.96 1.71
CA ARG A 92 13.98 3.57 1.61
C ARG A 92 13.65 3.01 0.21
N ARG A 93 14.32 1.95 -0.19
CA ARG A 93 14.12 1.36 -1.52
C ARG A 93 13.17 0.21 -1.25
N CYS A 94 12.20 -0.03 -2.12
CA CYS A 94 10.97 -0.87 -1.90
C CYS A 94 10.84 -1.72 -3.09
N GLY A 95 10.33 -2.94 -2.90
CA GLY A 95 9.91 -3.78 -4.00
C GLY A 95 8.86 -4.68 -3.49
N ALA A 96 7.86 -4.97 -4.33
CA ALA A 96 6.72 -5.73 -3.90
C ALA A 96 6.18 -6.53 -5.08
N VAL A 97 5.63 -7.67 -4.79
CA VAL A 97 5.01 -8.48 -5.79
C VAL A 97 3.74 -9.09 -5.24
N SER A 98 2.75 -9.28 -6.11
CA SER A 98 1.47 -9.96 -5.76
C SER A 98 1.03 -10.88 -6.89
N GLY A 99 0.08 -11.76 -6.57
CA GLY A 99 -0.47 -12.66 -7.55
C GLY A 99 0.49 -13.62 -8.21
N LEU A 100 1.46 -14.11 -7.44
CA LEU A 100 2.42 -15.09 -7.99
C LEU A 100 1.89 -16.49 -7.87
N THR A 101 1.94 -17.23 -8.94
CA THR A 101 1.47 -18.62 -8.89
C THR A 101 2.58 -19.67 -9.25
N THR A 102 3.73 -19.21 -9.72
CA THR A 102 4.71 -20.05 -10.37
C THR A 102 6.16 -19.82 -9.76
N VAL A 103 6.38 -18.72 -9.09
CA VAL A 103 7.69 -18.30 -8.58
C VAL A 103 8.01 -18.93 -7.27
N LYS A 104 9.03 -19.78 -7.33
CA LYS A 104 9.47 -20.54 -6.14
C LYS A 104 9.70 -19.65 -4.90
N ASN A 105 10.33 -18.48 -5.09
CA ASN A 105 10.63 -17.62 -3.92
C ASN A 105 10.19 -16.16 -4.10
N PRO A 106 8.95 -15.85 -3.71
CA PRO A 106 8.38 -14.52 -3.97
C PRO A 106 9.23 -13.39 -3.42
N ILE A 107 9.86 -13.57 -2.25
CA ILE A 107 10.61 -12.50 -1.66
C ILE A 107 11.77 -12.06 -2.49
N SER A 108 12.34 -13.00 -3.23
CA SER A 108 13.51 -12.71 -4.08
C SER A 108 13.01 -11.99 -5.32
N LEU A 109 11.79 -12.26 -5.71
CA LEU A 109 11.21 -11.49 -6.81
C LEU A 109 10.93 -10.06 -6.40
N ALA A 110 10.53 -9.88 -5.13
CA ALA A 110 10.30 -8.57 -4.56
C ALA A 110 11.60 -7.81 -4.56
N ARG A 111 12.70 -8.49 -4.19
CA ARG A 111 14.01 -7.92 -4.22
C ARG A 111 14.38 -7.48 -5.64
N LEU A 112 14.04 -8.27 -6.63
CA LEU A 112 14.39 -7.89 -8.02
C LEU A 112 13.56 -6.65 -8.53
N VAL A 113 12.32 -6.56 -8.07
CA VAL A 113 11.49 -5.38 -8.37
C VAL A 113 12.23 -4.18 -7.79
N MET A 114 12.70 -4.28 -6.56
CA MET A 114 13.41 -3.17 -5.92
C MET A 114 14.64 -2.72 -6.67
N ASP A 115 15.37 -3.67 -7.22
CA ASP A 115 16.66 -3.41 -7.80
C ASP A 115 16.60 -3.18 -9.28
N LYS A 116 15.73 -3.87 -9.99
CA LYS A 116 15.75 -3.80 -11.47
C LYS A 116 14.57 -3.05 -12.16
N SER A 117 13.51 -2.76 -11.46
CA SER A 117 12.34 -2.19 -12.07
C SER A 117 12.28 -0.71 -11.79
N PRO A 118 11.81 0.07 -12.75
CA PRO A 118 11.48 1.43 -12.41
C PRO A 118 10.26 1.52 -11.52
N HIS A 119 9.54 0.41 -11.33
CA HIS A 119 8.39 0.43 -10.46
C HIS A 119 8.77 -0.25 -9.16
N SER A 120 7.91 -0.10 -8.14
CA SER A 120 8.13 -0.69 -6.86
C SER A 120 7.21 -1.81 -6.63
N TYR A 121 6.26 -2.05 -7.55
CA TYR A 121 5.26 -3.14 -7.31
C TYR A 121 4.77 -3.67 -8.63
N ILE A 122 4.95 -4.97 -8.83
CA ILE A 122 4.52 -5.63 -10.03
C ILE A 122 3.67 -6.84 -9.61
N ALA A 123 2.61 -7.16 -10.34
CA ALA A 123 1.65 -8.20 -9.87
C ALA A 123 1.07 -8.97 -10.98
N PHE A 124 0.68 -10.21 -10.66
CA PHE A 124 -0.05 -11.09 -11.57
C PHE A 124 0.71 -11.36 -12.86
N SER A 125 0.07 -11.31 -14.03
CA SER A 125 0.77 -11.74 -15.25
C SER A 125 2.09 -11.04 -15.48
N GLY A 126 2.04 -9.74 -15.37
CA GLY A 126 3.21 -8.86 -15.39
C GLY A 126 4.31 -9.35 -14.49
N ALA A 127 3.95 -9.79 -13.28
CA ALA A 127 4.96 -10.19 -12.36
C ALA A 127 5.53 -11.60 -12.76
N GLU A 128 4.70 -12.49 -13.26
CA GLU A 128 5.13 -13.74 -13.77
C GLU A 128 6.04 -13.55 -15.01
N ASP A 129 5.71 -12.59 -15.86
CA ASP A 129 6.51 -12.22 -17.03
C ASP A 129 7.86 -11.66 -16.55
N PHE A 130 7.83 -10.80 -15.51
CA PHE A 130 9.08 -10.25 -14.99
C PHE A 130 9.95 -11.39 -14.42
N ALA A 131 9.37 -12.35 -13.68
CA ALA A 131 10.15 -13.47 -13.21
C ALA A 131 10.93 -14.14 -14.31
N ARG A 132 10.32 -14.32 -15.48
CA ARG A 132 10.96 -15.11 -16.50
C ARG A 132 12.01 -14.30 -17.19
N GLN A 133 11.72 -13.00 -17.41
CA GLN A 133 12.75 -12.08 -17.83
C GLN A 133 13.93 -12.13 -16.89
N GLN A 134 13.70 -12.24 -15.57
CA GLN A 134 14.79 -12.20 -14.67
C GLN A 134 15.46 -13.56 -14.46
N GLY A 135 14.88 -14.60 -15.03
CA GLY A 135 15.43 -15.97 -14.97
C GLY A 135 15.28 -16.70 -13.64
N VAL A 136 14.38 -16.26 -12.73
CA VAL A 136 14.25 -16.89 -11.41
C VAL A 136 13.64 -18.29 -11.57
N GLU A 137 13.72 -19.11 -10.54
CA GLU A 137 13.15 -20.44 -10.62
C GLU A 137 11.63 -20.33 -10.61
N VAL A 138 10.99 -21.03 -11.55
CA VAL A 138 9.55 -21.08 -11.62
C VAL A 138 9.09 -22.50 -11.63
N VAL A 139 7.96 -22.80 -10.99
CA VAL A 139 7.45 -24.15 -10.96
C VAL A 139 5.94 -24.18 -11.15
N ASP A 140 5.40 -25.37 -11.34
CA ASP A 140 3.96 -25.58 -11.40
C ASP A 140 3.36 -25.18 -10.06
N ASN A 141 2.19 -24.56 -10.12
CA ASN A 141 1.46 -24.20 -8.92
C ASN A 141 1.34 -25.33 -7.93
N GLU A 142 1.20 -26.57 -8.37
CA GLU A 142 1.03 -27.65 -7.42
C GLU A 142 2.17 -27.82 -6.47
N TYR A 143 3.33 -27.48 -6.95
CA TYR A 143 4.48 -27.44 -6.08
C TYR A 143 4.20 -26.83 -4.70
N PHE A 144 3.36 -25.79 -4.66
CA PHE A 144 3.21 -24.99 -3.42
C PHE A 144 2.14 -25.58 -2.48
N VAL A 145 1.38 -26.49 -3.02
CA VAL A 145 0.19 -26.99 -2.37
C VAL A 145 0.58 -28.21 -1.61
N THR A 146 0.42 -28.18 -0.28
CA THR A 146 0.64 -29.36 0.55
C THR A 146 -0.64 -30.06 1.05
N PRO A 147 -0.53 -31.32 1.48
CA PRO A 147 -1.79 -31.94 2.00
C PRO A 147 -2.40 -31.24 3.24
N ASP A 148 -1.58 -30.76 4.17
CA ASP A 148 -2.11 -30.05 5.34
C ASP A 148 -3.11 -28.98 4.89
N ASN A 149 -2.68 -28.10 4.01
CA ASN A 149 -3.54 -27.01 3.51
C ASN A 149 -4.75 -27.49 2.71
N VAL A 150 -4.64 -28.57 2.01
CA VAL A 150 -5.86 -29.08 1.33
C VAL A 150 -6.94 -29.41 2.37
N GLY A 151 -6.50 -30.05 3.45
CA GLY A 151 -7.35 -30.29 4.64
C GLY A 151 -7.83 -29.03 5.32
N MET A 152 -6.93 -28.07 5.53
CA MET A 152 -7.31 -26.81 6.19
C MET A 152 -8.43 -26.13 5.40
N LEU A 153 -8.36 -26.18 4.08
CA LEU A 153 -9.29 -25.43 3.24
C LEU A 153 -10.60 -26.18 3.25
N LYS A 154 -10.54 -27.51 3.39
CA LYS A 154 -11.76 -28.28 3.57
C LYS A 154 -12.53 -27.70 4.76
N LEU A 155 -11.89 -27.65 5.91
CA LEU A 155 -12.45 -26.98 7.10
C LEU A 155 -12.93 -25.51 6.86
N ALA A 156 -12.05 -24.64 6.38
CA ALA A 156 -12.43 -23.24 5.99
C ALA A 156 -13.80 -23.20 5.30
N LYS A 157 -13.94 -23.94 4.22
CA LYS A 157 -15.19 -24.02 3.51
C LYS A 157 -16.37 -24.62 4.31
N GLU A 158 -16.08 -25.39 5.37
CA GLU A 158 -17.13 -25.99 6.22
C GLU A 158 -17.54 -24.90 7.18
N ALA A 159 -16.56 -24.18 7.73
CA ALA A 159 -16.79 -22.97 8.50
C ALA A 159 -17.82 -22.03 7.81
N ASN A 160 -19.00 -21.91 8.41
CA ASN A 160 -20.10 -21.08 7.87
C ASN A 160 -21.04 -20.59 8.98
N THR B 1 1.66 -15.89 6.81
CA THR B 1 2.59 -14.72 6.73
C THR B 1 3.85 -15.06 7.51
N VAL B 2 5.00 -14.75 6.91
CA VAL B 2 6.26 -14.86 7.58
C VAL B 2 7.05 -13.57 7.29
N GLY B 3 8.12 -13.35 8.03
CA GLY B 3 8.85 -12.11 7.91
C GLY B 3 10.13 -12.10 8.66
N CYS B 4 10.93 -11.08 8.34
CA CYS B 4 12.20 -10.92 8.97
C CYS B 4 12.60 -9.46 8.96
N VAL B 5 13.11 -8.98 10.08
CA VAL B 5 13.71 -7.62 10.17
C VAL B 5 15.12 -7.75 10.69
N VAL B 6 16.04 -6.95 10.11
CA VAL B 6 17.40 -7.03 10.51
C VAL B 6 18.03 -5.62 10.59
N VAL B 7 18.84 -5.35 11.62
CA VAL B 7 19.78 -4.24 11.58
C VAL B 7 21.21 -4.87 11.64
N ASP B 8 22.08 -4.55 10.66
CA ASP B 8 23.39 -5.09 10.60
C ASP B 8 24.35 -4.26 11.41
N ARG B 9 25.62 -4.63 11.44
CA ARG B 9 26.59 -3.89 12.25
C ARG B 9 26.79 -2.47 11.77
N GLU B 10 26.47 -2.18 10.50
CA GLU B 10 26.64 -0.80 10.00
C GLU B 10 25.43 0.08 10.41
N GLY B 11 24.38 -0.55 10.99
CA GLY B 11 23.25 0.20 11.53
C GLY B 11 22.19 0.43 10.42
N ARG B 12 22.23 -0.43 9.41
CA ARG B 12 21.35 -0.35 8.33
C ARG B 12 20.18 -1.37 8.58
N CYS B 13 18.94 -0.93 8.36
CA CYS B 13 17.76 -1.67 8.70
C CYS B 13 17.11 -2.20 7.43
N ALA B 14 16.53 -3.38 7.53
CA ALA B 14 15.79 -3.89 6.43
C ALA B 14 14.67 -4.75 6.91
N ALA B 15 13.69 -5.00 6.03
CA ALA B 15 12.52 -5.73 6.43
C ALA B 15 11.99 -6.51 5.25
N ALA B 16 11.33 -7.62 5.55
CA ALA B 16 10.83 -8.45 4.45
C ALA B 16 9.71 -9.29 4.98
N THR B 17 8.63 -9.42 4.19
CA THR B 17 7.39 -10.08 4.57
C THR B 17 6.98 -10.91 3.31
N SER B 18 6.47 -12.10 3.54
CA SER B 18 5.92 -12.94 2.45
C SER B 18 4.72 -13.69 2.98
N THR B 19 3.75 -13.98 2.13
CA THR B 19 2.56 -14.71 2.54
C THR B 19 1.93 -15.40 1.40
N GLY B 20 1.15 -16.39 1.75
CA GLY B 20 0.16 -16.99 0.87
C GLY B 20 -1.23 -16.36 1.02
N GLY B 21 -1.44 -15.54 2.05
CA GLY B 21 -2.70 -14.79 2.23
C GLY B 21 -3.70 -15.61 2.96
N LEU B 22 -4.98 -15.24 2.86
CA LEU B 22 -6.02 -15.93 3.60
C LEU B 22 -6.60 -17.18 2.92
N MET B 23 -6.78 -18.19 3.74
CA MET B 23 -7.37 -19.43 3.30
C MET B 23 -8.73 -19.17 2.68
N ASN B 24 -8.95 -19.79 1.55
CA ASN B 24 -10.23 -19.74 0.87
C ASN B 24 -10.51 -18.37 0.33
N LYS B 25 -9.50 -17.56 0.15
CA LYS B 25 -9.70 -16.25 -0.49
C LYS B 25 -9.97 -16.47 -1.99
N MET B 26 -10.66 -15.53 -2.56
CA MET B 26 -10.83 -15.53 -3.98
C MET B 26 -9.65 -14.86 -4.65
N THR B 27 -9.57 -15.14 -5.95
CA THR B 27 -8.42 -14.68 -6.71
C THR B 27 -8.38 -13.18 -6.72
N GLY B 28 -7.18 -12.66 -6.71
CA GLY B 28 -7.03 -11.24 -6.86
C GLY B 28 -7.11 -10.44 -5.59
N ARG B 29 -7.45 -11.08 -4.48
CA ARG B 29 -7.49 -10.40 -3.20
C ARG B 29 -6.10 -10.23 -2.74
N ILE B 30 -5.77 -9.00 -2.35
CA ILE B 30 -4.44 -8.68 -1.89
C ILE B 30 -4.51 -8.21 -0.41
N GLY B 31 -3.67 -8.76 0.43
CA GLY B 31 -3.63 -8.32 1.88
C GLY B 31 -2.53 -7.30 2.17
N ASP B 32 -2.14 -7.21 3.43
CA ASP B 32 -1.21 -6.19 3.82
C ASP B 32 0.25 -6.49 3.51
N SER B 33 0.61 -7.77 3.31
CA SER B 33 2.01 -8.16 3.19
C SER B 33 2.78 -7.45 2.11
N PRO B 34 2.18 -7.20 0.93
CA PRO B 34 2.95 -6.56 -0.13
C PRO B 34 2.86 -5.09 -0.13
N LEU B 35 2.30 -4.49 0.94
CA LEU B 35 1.97 -3.12 0.89
C LEU B 35 2.89 -2.37 1.80
N ILE B 36 3.70 -1.59 1.16
CA ILE B 36 4.66 -0.76 1.85
C ILE B 36 4.00 0.21 2.78
N GLY B 37 4.45 0.24 4.01
CA GLY B 37 3.84 1.05 5.03
C GLY B 37 2.77 0.30 5.81
N ALA B 38 2.24 -0.79 5.27
CA ALA B 38 1.33 -1.63 6.05
C ALA B 38 2.05 -2.85 6.61
N GLY B 39 2.32 -3.83 5.78
CA GLY B 39 3.01 -5.02 6.27
C GLY B 39 4.53 -4.93 6.37
N THR B 40 5.17 -3.99 5.66
CA THR B 40 6.59 -3.93 5.57
C THR B 40 7.02 -2.49 5.50
N TYR B 41 8.03 -2.10 6.30
CA TYR B 41 8.57 -0.76 6.22
C TYR B 41 10.00 -0.77 6.76
N ALA B 42 10.89 -0.02 6.12
CA ALA B 42 12.17 0.24 6.76
C ALA B 42 12.66 1.61 6.39
N CYS B 43 13.40 2.24 7.29
CA CYS B 43 13.94 3.59 7.02
C CYS B 43 15.26 3.68 7.79
N ASP B 44 15.75 4.92 7.99
CA ASP B 44 17.03 5.20 8.68
C ASP B 44 17.11 4.68 10.10
N VAL B 45 15.99 4.71 10.76
CA VAL B 45 15.89 4.41 12.16
C VAL B 45 15.25 3.05 12.48
N CYS B 46 14.50 2.45 11.56
CA CYS B 46 13.99 1.14 11.90
C CYS B 46 13.60 0.26 10.74
N GLY B 47 13.20 -0.98 11.07
CA GLY B 47 12.71 -1.97 10.09
C GLY B 47 11.58 -2.79 10.78
N VAL B 48 10.42 -2.92 10.13
CA VAL B 48 9.19 -3.54 10.67
C VAL B 48 8.53 -4.46 9.67
N SER B 49 8.01 -5.60 10.18
CA SER B 49 7.21 -6.54 9.46
C SER B 49 6.01 -6.88 10.35
N CYS B 50 4.81 -6.85 9.78
CA CYS B 50 3.54 -7.03 10.48
C CYS B 50 2.86 -8.31 10.05
N THR B 51 1.98 -8.81 10.89
CA THR B 51 1.18 -9.92 10.52
C THR B 51 -0.13 -9.81 11.34
N GLY B 52 -1.19 -10.34 10.77
CA GLY B 52 -2.47 -10.48 11.44
C GLY B 52 -3.59 -10.07 10.51
N GLU B 53 -4.58 -9.35 11.02
CA GLU B 53 -5.73 -8.92 10.16
C GLU B 53 -5.33 -7.78 9.24
N GLY B 54 -5.26 -8.06 7.92
CA GLY B 54 -4.81 -7.12 6.90
C GLY B 54 -5.69 -5.87 6.91
N GLU B 55 -6.96 -6.05 7.15
CA GLU B 55 -7.80 -4.91 7.23
C GLU B 55 -7.28 -3.94 8.29
N ALA B 56 -6.97 -4.45 9.48
CA ALA B 56 -6.44 -3.60 10.54
C ALA B 56 -5.04 -3.03 10.20
N ILE B 57 -4.19 -3.85 9.64
CA ILE B 57 -2.82 -3.41 9.35
C ILE B 57 -2.83 -2.34 8.24
N ILE B 58 -3.66 -2.56 7.23
CA ILE B 58 -3.78 -1.60 6.12
C ILE B 58 -4.35 -0.25 6.61
N ARG B 59 -5.48 -0.26 7.31
CA ARG B 59 -6.08 1.03 7.69
C ARG B 59 -5.26 1.78 8.72
N GLY B 60 -4.52 1.01 9.49
CA GLY B 60 -3.63 1.53 10.51
C GLY B 60 -2.21 1.81 10.04
N THR B 61 -1.89 1.51 8.76
CA THR B 61 -0.54 1.73 8.21
C THR B 61 0.52 1.30 9.25
N LEU B 62 0.39 0.07 9.71
CA LEU B 62 0.96 -0.27 10.95
C LEU B 62 2.48 -0.23 10.96
N ALA B 63 3.13 -0.72 9.91
CA ALA B 63 4.58 -0.79 9.87
C ALA B 63 5.17 0.60 9.83
N ARG B 64 4.61 1.48 9.01
CA ARG B 64 5.11 2.88 8.91
C ARG B 64 4.86 3.58 10.20
N GLU B 65 3.84 3.15 10.93
CA GLU B 65 3.46 3.80 12.15
C GLU B 65 4.53 3.68 13.26
N VAL B 66 5.21 2.54 13.35
CA VAL B 66 6.35 2.40 14.27
C VAL B 66 7.40 3.54 14.03
N ALA B 67 7.78 3.74 12.77
CA ALA B 67 8.69 4.78 12.28
C ALA B 67 8.14 6.13 12.55
N ALA B 68 6.84 6.34 12.32
CA ALA B 68 6.31 7.62 12.59
C ALA B 68 6.28 7.97 14.06
N VAL B 69 6.00 7.03 14.94
CA VAL B 69 6.03 7.44 16.35
C VAL B 69 7.47 7.62 16.89
N MET B 70 8.43 6.88 16.36
CA MET B 70 9.80 7.13 16.76
C MET B 70 10.19 8.53 16.35
N GLU B 71 9.76 8.88 15.16
CA GLU B 71 10.15 10.11 14.53
C GLU B 71 9.46 11.27 15.17
N TYR B 72 8.15 11.20 15.30
CA TYR B 72 7.40 12.38 15.68
C TYR B 72 7.02 12.38 17.13
N LYS B 73 7.08 11.25 17.83
CA LYS B 73 6.84 11.30 19.30
C LYS B 73 8.13 11.12 20.06
N GLY B 74 9.24 10.86 19.36
CA GLY B 74 10.53 10.70 20.04
C GLY B 74 10.61 9.42 20.90
N LEU B 75 9.67 8.50 20.77
CA LEU B 75 9.75 7.21 21.48
C LEU B 75 10.86 6.34 20.97
N LYS B 76 11.50 5.61 21.85
CA LYS B 76 12.47 4.57 21.44
C LYS B 76 11.74 3.29 20.95
N LEU B 77 12.44 2.39 20.28
CA LEU B 77 11.78 1.18 19.69
C LEU B 77 10.69 0.47 20.54
N HIS B 78 11.06 0.06 21.74
CA HIS B 78 10.22 -0.80 22.53
C HIS B 78 8.94 -0.09 22.90
N GLN B 79 9.08 1.20 23.24
CA GLN B 79 7.97 1.99 23.67
C GLN B 79 7.14 2.33 22.43
N ALA B 80 7.75 2.41 21.25
CA ALA B 80 7.05 2.77 20.04
C ALA B 80 6.22 1.62 19.56
N VAL B 81 6.76 0.42 19.66
CA VAL B 81 6.02 -0.77 19.25
C VAL B 81 4.92 -0.95 20.25
N ASP B 82 5.19 -0.68 21.54
CA ASP B 82 4.19 -0.72 22.59
C ASP B 82 3.04 0.25 22.26
N PHE B 83 3.39 1.47 21.87
CA PHE B 83 2.40 2.50 21.55
C PHE B 83 1.53 2.10 20.35
N VAL B 84 2.17 1.63 19.31
CA VAL B 84 1.44 1.23 18.13
C VAL B 84 0.46 0.08 18.41
N ILE B 85 0.93 -0.97 19.07
CA ILE B 85 0.04 -2.08 19.34
C ILE B 85 -1.11 -1.58 20.24
N LYS B 86 -0.77 -0.76 21.22
CA LYS B 86 -1.77 -0.38 22.20
C LYS B 86 -2.76 0.68 21.74
N HIS B 87 -2.35 1.61 20.88
CA HIS B 87 -3.20 2.73 20.46
C HIS B 87 -3.64 2.70 19.00
N ARG B 88 -2.87 2.11 18.12
CA ARG B 88 -3.19 2.16 16.68
C ARG B 88 -4.04 0.94 16.22
N LEU B 89 -4.05 -0.07 17.07
CA LEU B 89 -5.05 -1.12 17.04
C LEU B 89 -5.95 -0.96 18.26
N ASP B 90 -7.23 -1.08 18.02
CA ASP B 90 -8.09 -1.47 19.09
C ASP B 90 -9.20 -2.22 18.38
N GLU B 91 -9.54 -3.38 18.92
CA GLU B 91 -10.48 -4.33 18.29
C GLU B 91 -9.85 -5.05 17.04
N GLY B 92 -8.85 -4.44 16.38
CA GLY B 92 -8.02 -5.14 15.37
C GLY B 92 -6.95 -6.04 16.00
N LYS B 93 -6.69 -7.21 15.42
CA LYS B 93 -5.68 -8.12 15.96
C LYS B 93 -4.47 -8.24 15.02
N ALA B 94 -3.32 -7.82 15.51
CA ALA B 94 -2.13 -7.85 14.70
C ALA B 94 -0.89 -8.00 15.59
N GLY B 95 0.20 -8.31 14.98
CA GLY B 95 1.47 -8.26 15.70
C GLY B 95 2.54 -7.75 14.77
N LEU B 96 3.70 -7.46 15.33
CA LEU B 96 4.79 -6.99 14.55
C LEU B 96 6.11 -7.29 15.22
N ILE B 97 7.15 -7.34 14.41
CA ILE B 97 8.51 -7.48 14.87
C ILE B 97 9.29 -6.26 14.29
N ALA B 98 10.26 -5.72 15.04
CA ALA B 98 10.97 -4.52 14.58
C ALA B 98 12.39 -4.55 15.10
N VAL B 99 13.27 -3.84 14.37
CA VAL B 99 14.60 -3.49 14.83
C VAL B 99 14.83 -1.99 14.68
N SER B 100 15.67 -1.45 15.54
CA SER B 100 16.17 -0.10 15.44
C SER B 100 17.59 -0.06 14.88
N ASN B 101 17.96 1.10 14.35
CA ASN B 101 19.32 1.30 13.94
C ASN B 101 20.31 1.28 15.02
N THR B 102 19.88 1.41 16.27
CA THR B 102 20.75 1.31 17.41
C THR B 102 20.99 -0.10 17.90
N GLY B 103 20.51 -1.11 17.19
CA GLY B 103 20.72 -2.46 17.63
C GLY B 103 19.67 -3.08 18.55
N GLU B 104 18.52 -2.43 18.73
CA GLU B 104 17.47 -3.04 19.54
C GLU B 104 16.54 -3.91 18.66
N VAL B 105 15.88 -4.89 19.27
CA VAL B 105 14.86 -5.65 18.59
C VAL B 105 13.66 -5.74 19.56
N ALA B 106 12.44 -5.65 19.03
CA ALA B 106 11.23 -5.64 19.79
C ALA B 106 10.22 -6.42 19.00
N CYS B 107 9.29 -7.04 19.67
CA CYS B 107 8.12 -7.63 19.03
C CYS B 107 6.89 -7.20 19.87
N GLY B 108 5.72 -7.15 19.26
CA GLY B 108 4.47 -6.85 20.02
C GLY B 108 3.30 -7.47 19.26
N PHE B 109 2.27 -7.85 19.99
CA PHE B 109 1.06 -8.36 19.34
C PHE B 109 -0.09 -8.32 20.30
N ASN B 110 -1.30 -8.24 19.77
CA ASN B 110 -2.41 -8.17 20.65
C ASN B 110 -3.40 -9.32 20.54
N CYS B 111 -2.98 -10.43 19.91
CA CYS B 111 -3.82 -11.65 19.95
C CYS B 111 -3.22 -12.68 20.90
N ASN B 112 -3.56 -13.94 20.70
CA ASN B 112 -3.21 -15.00 21.68
C ASN B 112 -1.78 -15.50 21.45
N GLY B 113 -1.34 -15.42 20.21
CA GLY B 113 0.00 -15.90 19.93
C GLY B 113 0.62 -15.36 18.67
N MET B 114 1.94 -15.42 18.63
CA MET B 114 2.71 -15.05 17.46
C MET B 114 4.06 -15.80 17.45
N PHE B 115 4.28 -16.56 16.39
CA PHE B 115 5.46 -17.37 16.19
C PHE B 115 6.56 -16.37 15.88
N ARG B 116 7.55 -16.24 16.75
CA ARG B 116 8.60 -15.26 16.50
C ARG B 116 9.89 -15.65 17.19
N ALA B 117 11.00 -15.10 16.72
CA ALA B 117 12.24 -15.33 17.39
C ALA B 117 13.04 -14.11 17.17
N CYS B 118 13.83 -13.72 18.17
CA CYS B 118 14.73 -12.58 18.02
C CYS B 118 16.12 -12.85 18.61
N ALA B 119 17.11 -12.10 18.16
CA ALA B 119 18.45 -12.17 18.70
C ALA B 119 19.17 -10.87 18.52
N THR B 120 20.13 -10.58 19.41
CA THR B 120 21.01 -9.45 19.26
C THR B 120 22.42 -9.96 19.38
N GLU B 121 23.35 -9.20 18.83
CA GLU B 121 24.76 -9.61 18.81
C GLU B 121 25.40 -9.95 20.19
N ASP B 122 25.07 -9.22 21.23
CA ASP B 122 25.70 -9.53 22.49
C ASP B 122 25.11 -10.78 23.19
N GLY B 123 24.09 -11.41 22.62
CA GLY B 123 23.80 -12.81 22.96
C GLY B 123 22.39 -13.11 23.38
N PHE B 124 21.56 -12.09 23.55
CA PHE B 124 20.15 -12.28 23.77
C PHE B 124 19.57 -13.04 22.61
N MET B 125 18.70 -13.98 22.89
CA MET B 125 18.19 -14.89 21.90
C MET B 125 16.90 -15.39 22.49
N GLU B 126 15.78 -15.23 21.79
CA GLU B 126 14.51 -15.72 22.29
C GLU B 126 13.72 -16.30 21.17
N VAL B 127 13.11 -17.45 21.40
CA VAL B 127 12.09 -18.00 20.47
C VAL B 127 10.81 -18.30 21.27
N ALA B 128 9.66 -17.84 20.77
CA ALA B 128 8.45 -17.71 21.60
C ALA B 128 7.21 -17.82 20.72
N ILE B 129 6.16 -18.42 21.25
CA ILE B 129 4.88 -18.29 20.62
C ILE B 129 3.88 -17.49 21.44
N TRP B 130 3.89 -17.67 22.73
CA TRP B 130 2.93 -17.06 23.60
C TRP B 130 3.58 -15.79 24.17
N ASP B 131 3.07 -15.27 25.28
CA ASP B 131 3.73 -14.13 25.91
C ASP B 131 4.70 -14.77 26.88
N GLY C 4 -16.86 24.96 11.99
CA GLY C 4 -17.06 23.94 10.93
C GLY C 4 -17.07 24.60 9.53
N GLY C 5 -17.96 24.09 8.65
CA GLY C 5 -18.04 24.46 7.23
C GLY C 5 -17.42 23.41 6.31
N TRP C 6 -18.06 23.11 5.17
CA TRP C 6 -17.51 22.12 4.23
C TRP C 6 -16.30 22.68 3.46
N ALA C 7 -15.51 21.79 2.89
CA ALA C 7 -14.32 22.13 2.08
C ALA C 7 -14.12 21.00 1.09
N ILE C 8 -13.53 21.30 -0.05
CA ILE C 8 -13.32 20.34 -1.11
C ILE C 8 -12.11 20.76 -1.92
N ALA C 9 -11.29 19.80 -2.29
CA ALA C 9 -10.23 19.99 -3.26
C ALA C 9 -10.36 18.88 -4.28
N VAL C 10 -10.03 19.24 -5.51
CA VAL C 10 -9.91 18.32 -6.65
C VAL C 10 -8.53 18.53 -7.27
N HIS C 11 -7.90 17.49 -7.82
CA HIS C 11 -6.69 17.67 -8.64
C HIS C 11 -6.76 16.81 -9.87
N GLY C 12 -6.03 17.22 -10.90
CA GLY C 12 -5.90 16.40 -12.09
C GLY C 12 -4.45 16.05 -12.38
N GLY C 13 -3.66 15.89 -11.35
CA GLY C 13 -2.30 15.40 -11.50
C GLY C 13 -1.33 16.54 -11.29
N ALA C 14 -0.14 16.20 -10.80
CA ALA C 14 1.02 17.07 -10.68
C ALA C 14 1.92 16.95 -11.90
N GLY C 15 2.89 17.85 -12.00
CA GLY C 15 3.82 17.86 -13.11
C GLY C 15 3.18 18.31 -14.40
N VAL C 16 3.04 19.62 -14.57
CA VAL C 16 2.46 20.13 -15.80
C VAL C 16 3.60 20.62 -16.72
N ASP C 17 3.55 20.17 -17.97
CA ASP C 17 4.45 20.65 -19.03
C ASP C 17 4.38 22.17 -19.13
N PRO C 18 5.51 22.90 -18.92
CA PRO C 18 5.48 24.39 -18.99
C PRO C 18 5.17 24.95 -20.38
N THR C 19 5.23 24.06 -21.37
CA THR C 19 4.90 24.32 -22.78
C THR C 19 3.36 24.23 -23.04
N LEU C 20 2.59 23.66 -22.10
CA LEU C 20 1.16 23.52 -22.28
C LEU C 20 0.50 24.80 -22.82
N PRO C 21 -0.16 24.68 -23.99
CA PRO C 21 -0.75 25.87 -24.64
C PRO C 21 -1.97 26.47 -23.91
N LEU C 22 -2.17 27.79 -24.07
CA LEU C 22 -3.20 28.51 -23.31
C LEU C 22 -4.59 27.87 -23.38
N GLU C 23 -4.96 27.26 -24.49
CA GLU C 23 -6.31 26.68 -24.65
C GLU C 23 -6.48 25.35 -23.94
N ARG C 24 -5.40 24.59 -23.81
CA ARG C 24 -5.40 23.40 -22.97
C ARG C 24 -5.51 23.76 -21.50
N GLN C 25 -4.85 24.88 -21.15
CA GLN C 25 -4.89 25.43 -19.81
C GLN C 25 -6.33 25.79 -19.44
N GLU C 26 -6.98 26.54 -20.31
CA GLU C 26 -8.38 26.87 -20.15
C GLU C 26 -9.28 25.62 -20.12
N GLU C 27 -9.08 24.68 -21.02
CA GLU C 27 -9.82 23.41 -20.94
C GLU C 27 -9.62 22.69 -19.62
N ALA C 28 -8.37 22.54 -19.15
CA ALA C 28 -8.16 21.85 -17.87
C ALA C 28 -8.85 22.61 -16.77
N LYS C 29 -8.76 23.92 -16.76
CA LYS C 29 -9.46 24.69 -15.72
C LYS C 29 -11.00 24.60 -15.83
N GLN C 30 -11.53 24.55 -17.04
CA GLN C 30 -12.97 24.35 -17.17
C GLN C 30 -13.39 22.98 -16.63
N LEU C 31 -12.56 21.95 -16.78
CA LEU C 31 -12.87 20.61 -16.25
C LEU C 31 -12.83 20.63 -14.75
N LEU C 32 -11.78 21.25 -14.21
CA LEU C 32 -11.60 21.27 -12.77
C LEU C 32 -12.82 21.96 -12.14
N THR C 33 -13.25 23.07 -12.76
CA THR C 33 -14.35 23.90 -12.26
C THR C 33 -15.65 23.11 -12.34
N ARG C 34 -15.86 22.36 -13.41
CA ARG C 34 -17.07 21.57 -13.47
C ARG C 34 -17.13 20.57 -12.33
N CYS C 35 -16.03 19.85 -12.07
CA CYS C 35 -16.00 18.83 -11.08
C CYS C 35 -16.17 19.39 -9.67
N LEU C 36 -15.42 20.43 -9.38
CA LEU C 36 -15.58 21.17 -8.16
C LEU C 36 -17.03 21.58 -7.92
N ASN C 37 -17.64 22.19 -8.92
CA ASN C 37 -19.06 22.64 -8.80
C ASN C 37 -20.00 21.45 -8.53
N LEU C 38 -19.71 20.25 -9.04
CA LEU C 38 -20.60 19.14 -8.72
C LEU C 38 -20.49 18.85 -7.23
N GLY C 39 -19.27 18.80 -6.74
CA GLY C 39 -19.03 18.55 -5.33
C GLY C 39 -19.62 19.62 -4.43
N ILE C 40 -19.45 20.88 -4.82
CA ILE C 40 -20.05 22.01 -4.05
C ILE C 40 -21.57 21.88 -3.92
N SER C 41 -22.28 21.55 -4.98
CA SER C 41 -23.72 21.41 -4.83
C SER C 41 -24.04 20.20 -3.96
N ALA C 42 -23.32 19.09 -4.16
CA ALA C 42 -23.54 17.91 -3.32
C ALA C 42 -23.33 18.27 -1.87
N LEU C 43 -22.30 19.03 -1.56
CA LEU C 43 -22.05 19.43 -0.15
C LEU C 43 -23.13 20.35 0.35
N ASN C 44 -23.57 21.23 -0.53
CA ASN C 44 -24.67 22.11 -0.24
C ASN C 44 -25.99 21.41 0.07
N SER C 45 -26.26 20.28 -0.55
CA SER C 45 -27.42 19.45 -0.19
C SER C 45 -27.02 18.31 0.73
N ASN C 46 -26.00 18.56 1.54
CA ASN C 46 -25.66 17.71 2.66
C ASN C 46 -25.27 16.23 2.38
N VAL C 47 -24.77 15.91 1.20
CA VAL C 47 -24.45 14.54 0.93
C VAL C 47 -23.12 14.22 1.65
N PRO C 48 -23.00 12.99 2.19
CA PRO C 48 -21.80 12.68 2.95
C PRO C 48 -20.50 12.81 2.13
N ALA C 49 -19.45 13.28 2.80
CA ALA C 49 -18.07 13.35 2.23
C ALA C 49 -17.75 12.17 1.32
N ILE C 50 -18.07 10.97 1.79
CA ILE C 50 -17.67 9.75 1.10
C ILE C 50 -18.42 9.63 -0.22
N ASP C 51 -19.67 10.10 -0.26
CA ASP C 51 -20.37 10.05 -1.54
C ASP C 51 -19.89 11.19 -2.45
N VAL C 52 -19.49 12.32 -1.89
CA VAL C 52 -18.97 13.42 -2.69
C VAL C 52 -17.67 13.06 -3.39
N VAL C 53 -16.68 12.47 -2.70
CA VAL C 53 -15.42 12.21 -3.36
C VAL C 53 -15.64 11.21 -4.48
N GLU C 54 -16.57 10.25 -4.30
CA GLU C 54 -16.84 9.26 -5.39
C GLU C 54 -17.40 9.95 -6.63
N LEU C 55 -18.34 10.84 -6.41
CA LEU C 55 -19.08 11.48 -7.47
C LEU C 55 -18.21 12.44 -8.26
N VAL C 56 -17.33 13.15 -7.57
CA VAL C 56 -16.39 14.04 -8.25
C VAL C 56 -15.38 13.24 -9.05
N VAL C 57 -14.83 12.17 -8.43
CA VAL C 57 -13.83 11.40 -9.13
C VAL C 57 -14.46 10.68 -10.36
N ARG C 58 -15.69 10.19 -10.24
CA ARG C 58 -16.37 9.63 -11.43
C ARG C 58 -16.47 10.62 -12.63
N GLU C 59 -16.68 11.89 -12.34
CA GLU C 59 -16.66 12.91 -13.42
C GLU C 59 -15.27 13.07 -14.03
N LEU C 60 -14.27 13.11 -13.20
CA LEU C 60 -12.85 13.12 -13.66
C LEU C 60 -12.45 11.88 -14.47
N GLU C 61 -12.90 10.72 -14.06
CA GLU C 61 -12.72 9.50 -14.84
C GLU C 61 -13.36 9.56 -16.21
N THR C 62 -14.60 10.05 -16.30
CA THR C 62 -15.36 10.04 -17.54
C THR C 62 -14.80 11.03 -18.56
N ASP C 63 -14.36 12.19 -18.10
CA ASP C 63 -13.88 13.19 -19.04
C ASP C 63 -12.51 12.70 -19.55
N PRO C 64 -12.30 12.71 -20.86
CA PRO C 64 -11.01 12.16 -21.35
C PRO C 64 -9.76 13.05 -21.14
N LEU C 65 -9.87 14.17 -20.47
CA LEU C 65 -8.75 15.12 -20.45
C LEU C 65 -7.62 14.56 -19.57
N PHE C 66 -7.96 14.14 -18.36
CA PHE C 66 -6.93 13.74 -17.41
C PHE C 66 -6.71 12.18 -17.39
N ASN C 67 -5.62 11.73 -16.70
CA ASN C 67 -5.14 10.40 -16.73
C ASN C 67 -5.86 9.58 -15.69
N SER C 68 -7.13 9.28 -15.98
CA SER C 68 -7.92 8.23 -15.32
C SER C 68 -9.16 7.94 -16.12
N GLY C 69 -9.73 6.77 -15.94
CA GLY C 69 -10.85 6.33 -16.75
C GLY C 69 -10.54 6.50 -18.21
N ARG C 70 -11.48 7.05 -18.98
CA ARG C 70 -11.27 7.29 -20.42
C ARG C 70 -10.29 8.45 -20.46
N GLY C 71 -9.23 8.28 -21.24
CA GLY C 71 -8.09 9.22 -21.33
C GLY C 71 -6.94 8.74 -20.50
N SER C 72 -7.06 7.54 -19.95
CA SER C 72 -5.94 6.95 -19.18
C SER C 72 -4.74 6.76 -20.07
N ALA C 73 -3.58 6.96 -19.49
CA ALA C 73 -2.29 6.59 -20.06
C ALA C 73 -2.33 5.12 -20.54
N LEU C 74 -1.53 4.83 -21.57
CA LEU C 74 -1.47 3.53 -22.18
C LEU C 74 -0.20 2.81 -21.71
N THR C 75 -0.36 1.48 -21.60
CA THR C 75 0.71 0.53 -21.37
C THR C 75 1.55 0.44 -22.63
N GLU C 76 2.72 -0.20 -22.59
CA GLU C 76 3.55 -0.31 -23.80
C GLU C 76 2.84 -1.01 -24.99
N LYS C 77 1.82 -1.80 -24.68
CA LYS C 77 1.10 -2.62 -25.65
C LYS C 77 -0.02 -1.80 -26.20
N GLY C 78 -0.20 -0.57 -25.69
CA GLY C 78 -1.20 0.38 -26.23
C GLY C 78 -2.61 0.19 -25.63
N THR C 79 -2.69 -0.43 -24.47
CA THR C 79 -3.94 -0.64 -23.82
C THR C 79 -3.89 0.09 -22.47
N VAL C 80 -4.99 -0.02 -21.72
CA VAL C 80 -5.15 0.72 -20.50
C VAL C 80 -5.30 -0.23 -19.32
N GLU C 81 -4.71 0.17 -18.17
CA GLU C 81 -4.89 -0.54 -16.88
C GLU C 81 -5.04 0.44 -15.80
N MET C 82 -6.14 0.35 -15.12
CA MET C 82 -6.50 1.43 -14.22
C MET C 82 -6.51 0.95 -12.80
N GLU C 83 -6.40 1.90 -11.92
CA GLU C 83 -6.43 1.61 -10.53
C GLU C 83 -6.93 2.82 -9.70
N ALA C 84 -7.39 2.58 -8.49
CA ALA C 84 -7.95 3.58 -7.70
C ALA C 84 -8.04 3.17 -6.25
N SER C 85 -8.10 4.18 -5.40
CA SER C 85 -8.40 3.95 -4.00
C SER C 85 -9.29 5.06 -3.43
N ILE C 86 -9.97 4.70 -2.34
CA ILE C 86 -10.87 5.50 -1.61
C ILE C 86 -10.82 5.21 -0.10
N MET C 87 -10.97 6.24 0.71
CA MET C 87 -10.91 6.06 2.18
C MET C 87 -11.89 7.04 2.89
N ASP C 88 -12.67 6.52 3.83
CA ASP C 88 -13.64 7.23 4.61
C ASP C 88 -13.05 7.39 5.96
N GLY C 89 -12.78 8.65 6.34
CA GLY C 89 -12.08 8.95 7.59
C GLY C 89 -12.70 8.51 8.90
N PRO C 90 -14.02 8.67 9.03
CA PRO C 90 -14.59 8.45 10.37
C PRO C 90 -14.25 7.11 10.97
N LYS C 91 -14.38 6.03 10.20
CA LYS C 91 -13.97 4.73 10.74
C LYS C 91 -12.74 4.14 10.00
N ARG C 92 -12.10 4.96 9.17
CA ARG C 92 -10.95 4.55 8.37
C ARG C 92 -11.22 3.34 7.54
N ARG C 93 -12.26 3.42 6.77
CA ARG C 93 -12.61 2.28 5.91
C ARG C 93 -11.96 2.64 4.59
N CYS C 94 -11.43 1.63 3.95
CA CYS C 94 -10.54 1.69 2.79
C CYS C 94 -11.03 0.73 1.78
N GLY C 95 -10.81 1.08 0.54
CA GLY C 95 -11.04 0.17 -0.60
C GLY C 95 -10.12 0.56 -1.72
N ALA C 96 -9.54 -0.44 -2.40
CA ALA C 96 -8.62 -0.20 -3.51
C ALA C 96 -8.80 -1.22 -4.58
N VAL C 97 -8.48 -0.83 -5.82
CA VAL C 97 -8.52 -1.71 -6.98
C VAL C 97 -7.34 -1.40 -7.91
N SER C 98 -6.79 -2.43 -8.56
CA SER C 98 -5.81 -2.28 -9.62
C SER C 98 -6.10 -3.24 -10.73
N GLY C 99 -5.40 -3.01 -11.83
CA GLY C 99 -5.40 -3.91 -12.96
C GLY C 99 -6.73 -3.98 -13.60
N LEU C 100 -7.50 -2.91 -13.53
CA LEU C 100 -8.80 -2.94 -14.17
C LEU C 100 -8.69 -2.62 -15.68
N THR C 101 -9.34 -3.41 -16.50
CA THR C 101 -9.29 -3.22 -17.92
C THR C 101 -10.68 -2.97 -18.62
N THR C 102 -11.79 -3.34 -17.98
CA THR C 102 -13.15 -3.19 -18.56
C THR C 102 -14.13 -2.34 -17.70
N VAL C 103 -13.70 -1.92 -16.51
CA VAL C 103 -14.59 -1.25 -15.57
C VAL C 103 -14.65 0.23 -15.82
N LYS C 104 -15.84 0.77 -16.16
CA LYS C 104 -15.94 2.19 -16.52
C LYS C 104 -15.56 3.17 -15.46
N ASN C 105 -15.88 2.86 -14.22
CA ASN C 105 -15.54 3.80 -13.18
C ASN C 105 -14.85 3.07 -12.05
N PRO C 106 -13.53 3.06 -12.09
CA PRO C 106 -12.70 2.37 -11.14
C PRO C 106 -12.90 2.80 -9.72
N ILE C 107 -13.15 4.10 -9.50
CA ILE C 107 -13.27 4.63 -8.14
C ILE C 107 -14.49 4.08 -7.47
N SER C 108 -15.54 3.84 -8.24
CA SER C 108 -16.75 3.30 -7.72
C SER C 108 -16.56 1.84 -7.38
N LEU C 109 -15.72 1.16 -8.11
CA LEU C 109 -15.35 -0.22 -7.74
C LEU C 109 -14.51 -0.28 -6.49
N ALA C 110 -13.62 0.68 -6.36
CA ALA C 110 -12.93 0.84 -5.08
C ALA C 110 -13.96 0.96 -3.96
N ARG C 111 -14.96 1.83 -4.15
CA ARG C 111 -15.96 2.05 -3.06
C ARG C 111 -16.67 0.74 -2.69
N LEU C 112 -16.96 -0.06 -3.70
CA LEU C 112 -17.63 -1.35 -3.47
C LEU C 112 -16.72 -2.31 -2.76
N VAL C 113 -15.40 -2.23 -3.00
CA VAL C 113 -14.46 -3.06 -2.23
C VAL C 113 -14.54 -2.63 -0.73
N MET C 114 -14.50 -1.33 -0.49
CA MET C 114 -14.68 -0.80 0.85
C MET C 114 -15.95 -1.38 1.48
N ASP C 115 -17.08 -1.22 0.82
CA ASP C 115 -18.36 -1.51 1.43
C ASP C 115 -18.75 -2.96 1.36
N LYS C 116 -18.29 -3.74 0.38
CA LYS C 116 -18.82 -5.14 0.30
C LYS C 116 -17.83 -6.26 0.57
N SER C 117 -16.57 -6.00 0.36
CA SER C 117 -15.58 -7.03 0.43
C SER C 117 -14.98 -7.20 1.83
N PRO C 118 -14.74 -8.45 2.21
CA PRO C 118 -13.97 -8.65 3.42
C PRO C 118 -12.52 -8.27 3.19
N HIS C 119 -12.14 -8.06 1.93
CA HIS C 119 -10.82 -7.56 1.61
C HIS C 119 -10.86 -6.07 1.34
N SER C 120 -9.72 -5.41 1.50
CA SER C 120 -9.58 -3.95 1.21
C SER C 120 -8.96 -3.63 -0.16
N TYR C 121 -8.47 -4.64 -0.85
CA TYR C 121 -7.83 -4.50 -2.18
C TYR C 121 -8.03 -5.75 -3.05
N ILE C 122 -8.63 -5.56 -4.24
CA ILE C 122 -8.84 -6.65 -5.24
C ILE C 122 -8.27 -6.12 -6.55
N ALA C 123 -7.66 -6.99 -7.33
CA ALA C 123 -6.91 -6.58 -8.50
C ALA C 123 -7.03 -7.58 -9.64
N PHE C 124 -6.79 -7.10 -10.85
CA PHE C 124 -6.63 -7.93 -12.06
C PHE C 124 -7.86 -8.84 -12.17
N SER C 125 -7.75 -10.11 -12.54
CA SER C 125 -8.97 -10.74 -12.96
C SER C 125 -9.94 -10.90 -11.83
N GLY C 126 -9.45 -11.05 -10.62
CA GLY C 126 -10.36 -11.09 -9.48
C GLY C 126 -11.20 -9.79 -9.39
N ALA C 127 -10.61 -8.63 -9.72
CA ALA C 127 -11.29 -7.39 -9.63
C ALA C 127 -12.34 -7.33 -10.77
N GLU C 128 -12.01 -7.89 -11.92
CA GLU C 128 -12.90 -7.93 -13.07
C GLU C 128 -14.09 -8.85 -12.77
N ASP C 129 -13.86 -9.97 -12.11
CA ASP C 129 -14.99 -10.86 -11.71
C ASP C 129 -15.81 -10.17 -10.58
N PHE C 130 -15.13 -9.50 -9.65
CA PHE C 130 -15.87 -8.69 -8.65
C PHE C 130 -16.79 -7.61 -9.22
N ALA C 131 -16.34 -6.91 -10.23
CA ALA C 131 -17.15 -5.97 -10.93
C ALA C 131 -18.40 -6.64 -11.51
N ARG C 132 -18.27 -7.83 -12.06
CA ARG C 132 -19.39 -8.41 -12.69
C ARG C 132 -20.33 -8.99 -11.63
N GLN C 133 -19.83 -9.45 -10.49
CA GLN C 133 -20.75 -9.83 -9.39
C GLN C 133 -21.48 -8.62 -8.89
N GLN C 134 -20.84 -7.46 -8.87
CA GLN C 134 -21.51 -6.30 -8.34
C GLN C 134 -22.43 -5.60 -9.34
N GLY C 135 -22.46 -6.11 -10.57
CA GLY C 135 -23.26 -5.57 -11.64
C GLY C 135 -22.86 -4.18 -12.13
N VAL C 136 -21.62 -3.77 -11.96
CA VAL C 136 -21.24 -2.45 -12.48
C VAL C 136 -21.07 -2.42 -14.00
N GLU C 137 -20.96 -1.22 -14.56
CA GLU C 137 -20.82 -1.04 -16.02
C GLU C 137 -19.41 -1.39 -16.47
N VAL C 138 -19.35 -2.37 -17.38
CA VAL C 138 -18.12 -2.90 -17.95
C VAL C 138 -18.19 -2.65 -19.46
N VAL C 139 -17.02 -2.38 -20.07
CA VAL C 139 -16.87 -2.08 -21.47
C VAL C 139 -15.58 -2.68 -22.00
N ASP C 140 -15.48 -2.72 -23.31
CA ASP C 140 -14.23 -3.10 -23.99
C ASP C 140 -13.13 -2.16 -23.58
N ASN C 141 -11.93 -2.69 -23.45
CA ASN C 141 -10.78 -1.82 -23.17
C ASN C 141 -10.60 -0.62 -24.09
N GLU C 142 -10.87 -0.77 -25.38
CA GLU C 142 -10.76 0.30 -26.38
C GLU C 142 -11.50 1.54 -26.04
N TYR C 143 -12.58 1.37 -25.29
CA TYR C 143 -13.39 2.47 -24.88
C TYR C 143 -12.55 3.53 -24.20
N PHE C 144 -11.53 3.10 -23.43
CA PHE C 144 -10.70 4.09 -22.60
C PHE C 144 -9.56 4.77 -23.35
N VAL C 145 -9.25 4.24 -24.53
CA VAL C 145 -8.09 4.62 -25.28
C VAL C 145 -8.46 5.79 -26.17
N THR C 146 -7.83 6.94 -25.98
CA THR C 146 -8.06 8.10 -26.81
C THR C 146 -6.90 8.34 -27.81
N PRO C 147 -7.22 9.00 -28.90
CA PRO C 147 -6.21 9.23 -29.90
C PRO C 147 -5.04 10.05 -29.41
N ASP C 148 -5.26 11.09 -28.62
CA ASP C 148 -4.08 11.86 -28.12
C ASP C 148 -3.15 10.95 -27.26
N ASN C 149 -3.72 9.98 -26.55
CA ASN C 149 -2.90 9.11 -25.72
C ASN C 149 -2.13 8.11 -26.55
N VAL C 150 -2.77 7.65 -27.62
CA VAL C 150 -2.08 6.85 -28.64
C VAL C 150 -0.88 7.61 -29.21
N GLY C 151 -1.05 8.90 -29.48
CA GLY C 151 0.08 9.75 -29.98
C GLY C 151 1.17 9.93 -28.90
N MET C 152 0.74 10.21 -27.65
CA MET C 152 1.67 10.38 -26.53
C MET C 152 2.51 9.12 -26.32
N LEU C 153 1.89 7.96 -26.48
CA LEU C 153 2.56 6.71 -26.20
C LEU C 153 3.63 6.54 -27.17
N LYS C 154 3.35 6.87 -28.43
CA LYS C 154 4.32 6.76 -29.48
C LYS C 154 5.51 7.69 -29.26
N LEU C 155 5.29 8.79 -28.54
CA LEU C 155 6.40 9.67 -28.17
C LEU C 155 7.20 9.08 -26.98
N ALA C 156 6.51 8.62 -25.95
CA ALA C 156 7.17 7.91 -24.84
C ALA C 156 8.19 6.94 -25.41
N LYS C 157 7.84 6.27 -26.50
CA LYS C 157 8.78 5.33 -27.08
C LYS C 157 9.93 6.08 -27.81
N GLU C 158 10.78 6.72 -26.98
CA GLU C 158 11.70 7.82 -27.36
C GLU C 158 11.93 7.89 -28.84
N THR D 1 -3.40 10.56 -12.96
CA THR D 1 -3.91 10.67 -11.56
C THR D 1 -4.83 11.89 -11.40
N VAL D 2 -5.99 11.59 -10.88
CA VAL D 2 -6.97 12.57 -10.46
C VAL D 2 -7.34 12.23 -9.02
N GLY D 3 -7.89 13.19 -8.28
CA GLY D 3 -8.27 12.91 -6.94
C GLY D 3 -9.18 13.97 -6.39
N CYS D 4 -9.79 13.65 -5.24
CA CYS D 4 -10.69 14.58 -4.55
C CYS D 4 -10.64 14.33 -3.07
N VAL D 5 -10.55 15.40 -2.29
CA VAL D 5 -10.72 15.33 -0.82
C VAL D 5 -11.88 16.22 -0.46
N VAL D 6 -12.68 15.74 0.49
CA VAL D 6 -13.85 16.48 0.98
C VAL D 6 -13.95 16.45 2.51
N VAL D 7 -14.28 17.57 3.14
CA VAL D 7 -14.86 17.51 4.49
C VAL D 7 -16.31 18.03 4.47
N ASP D 8 -17.23 17.28 5.07
CA ASP D 8 -18.64 17.62 4.92
C ASP D 8 -19.05 18.44 6.13
N ARG D 9 -20.32 18.85 6.18
CA ARG D 9 -20.75 19.80 7.19
C ARG D 9 -20.71 19.16 8.53
N GLU D 10 -20.85 17.84 8.55
CA GLU D 10 -20.89 17.14 9.80
C GLU D 10 -19.47 16.85 10.25
N GLY D 11 -18.49 17.28 9.47
CA GLY D 11 -17.06 17.17 9.86
C GLY D 11 -16.31 15.89 9.41
N ARG D 12 -16.95 15.06 8.59
CA ARG D 12 -16.40 13.78 8.20
C ARG D 12 -15.53 14.05 7.02
N CYS D 13 -14.32 13.47 6.99
CA CYS D 13 -13.39 13.58 5.86
C CYS D 13 -13.36 12.30 4.99
N ALA D 14 -13.05 12.47 3.71
CA ALA D 14 -12.98 11.36 2.78
C ALA D 14 -12.07 11.76 1.65
N ALA D 15 -11.44 10.76 1.04
CA ALA D 15 -10.45 10.97 -0.02
C ALA D 15 -10.54 9.87 -1.05
N ALA D 16 -10.21 10.21 -2.30
CA ALA D 16 -10.37 9.30 -3.47
C ALA D 16 -9.34 9.67 -4.52
N THR D 17 -8.65 8.68 -5.06
CA THR D 17 -7.66 8.88 -6.10
C THR D 17 -7.86 7.80 -7.21
N SER D 18 -7.66 8.15 -8.49
CA SER D 18 -7.80 7.22 -9.56
C SER D 18 -6.81 7.59 -10.65
N THR D 19 -6.27 6.59 -11.34
CA THR D 19 -5.24 6.84 -12.38
C THR D 19 -5.26 5.79 -13.43
N GLY D 20 -4.69 6.14 -14.58
CA GLY D 20 -4.26 5.15 -15.59
C GLY D 20 -2.82 4.72 -15.43
N GLY D 21 -2.06 5.47 -14.61
CA GLY D 21 -0.69 5.12 -14.30
C GLY D 21 0.27 5.74 -15.28
N LEU D 22 1.49 5.22 -15.32
CA LEU D 22 2.52 5.82 -16.08
C LEU D 22 2.42 5.38 -17.54
N MET D 23 2.57 6.33 -18.47
CA MET D 23 2.59 6.03 -19.87
C MET D 23 3.72 5.06 -20.22
N ASN D 24 3.43 4.09 -21.09
CA ASN D 24 4.37 3.08 -21.52
C ASN D 24 4.74 2.06 -20.45
N LYS D 25 4.10 2.05 -19.31
CA LYS D 25 4.33 1.03 -18.30
C LYS D 25 4.03 -0.38 -18.88
N MET D 26 4.71 -1.39 -18.37
CA MET D 26 4.42 -2.77 -18.74
C MET D 26 3.28 -3.26 -17.90
N THR D 27 2.61 -4.31 -18.39
CA THR D 27 1.46 -4.89 -17.71
C THR D 27 1.82 -5.28 -16.26
N GLY D 28 0.91 -5.04 -15.37
CA GLY D 28 1.07 -5.55 -14.00
C GLY D 28 1.78 -4.55 -13.09
N ARG D 29 2.16 -3.38 -13.60
CA ARG D 29 2.89 -2.40 -12.80
C ARG D 29 1.92 -1.56 -12.03
N ILE D 30 2.17 -1.41 -10.72
CA ILE D 30 1.19 -0.74 -9.87
C ILE D 30 1.86 0.44 -9.22
N GLY D 31 1.19 1.58 -9.20
CA GLY D 31 1.78 2.81 -8.65
C GLY D 31 1.24 3.10 -7.24
N ASP D 32 1.33 4.35 -6.84
CA ASP D 32 0.94 4.86 -5.52
C ASP D 32 -0.58 5.05 -5.40
N SER D 33 -1.30 5.24 -6.50
CA SER D 33 -2.71 5.66 -6.37
C SER D 33 -3.60 4.68 -5.62
N PRO D 34 -3.36 3.36 -5.75
CA PRO D 34 -4.24 2.44 -5.04
C PRO D 34 -3.71 2.05 -3.71
N LEU D 35 -2.65 2.71 -3.23
CA LEU D 35 -2.02 2.32 -2.02
C LEU D 35 -2.41 3.24 -0.87
N ILE D 36 -3.15 2.67 0.05
CA ILE D 36 -3.63 3.39 1.21
C ILE D 36 -2.48 3.88 2.02
N GLY D 37 -2.49 5.18 2.34
CA GLY D 37 -1.38 5.79 3.08
C GLY D 37 -0.36 6.48 2.19
N ALA D 38 -0.32 6.07 0.91
CA ALA D 38 0.64 6.61 -0.05
C ALA D 38 -0.15 7.56 -0.92
N GLY D 39 -0.98 7.04 -1.79
CA GLY D 39 -1.84 7.88 -2.59
C GLY D 39 -3.08 8.52 -1.96
N THR D 40 -3.60 7.90 -0.92
CA THR D 40 -4.92 8.19 -0.40
C THR D 40 -4.97 7.89 1.10
N TYR D 41 -5.57 8.79 1.87
CA TYR D 41 -5.69 8.57 3.27
C TYR D 41 -6.72 9.54 3.79
N ALA D 42 -7.58 9.02 4.66
CA ALA D 42 -8.48 9.86 5.38
C ALA D 42 -8.64 9.29 6.77
N CYS D 43 -8.78 10.15 7.74
CA CYS D 43 -9.00 9.74 9.13
C CYS D 43 -9.91 10.79 9.77
N ASP D 44 -10.02 10.75 11.09
CA ASP D 44 -10.80 11.72 11.83
C ASP D 44 -10.38 13.14 11.62
N VAL D 45 -9.10 13.42 11.46
CA VAL D 45 -8.71 14.82 11.35
C VAL D 45 -8.53 15.32 9.92
N CYS D 46 -8.33 14.42 8.96
CA CYS D 46 -7.98 14.90 7.62
C CYS D 46 -8.26 13.93 6.53
N GLY D 47 -8.23 14.44 5.30
CA GLY D 47 -8.35 13.68 4.08
C GLY D 47 -7.35 14.18 3.06
N VAL D 48 -6.66 13.24 2.42
CA VAL D 48 -5.47 13.57 1.62
C VAL D 48 -5.41 12.74 0.35
N SER D 49 -5.06 13.35 -0.77
CA SER D 49 -4.78 12.65 -2.03
C SER D 49 -3.52 13.17 -2.64
N CYS D 50 -2.62 12.25 -3.05
CA CYS D 50 -1.27 12.61 -3.56
C CYS D 50 -1.11 12.33 -5.04
N THR D 51 -0.18 13.03 -5.66
CA THR D 51 0.10 12.80 -7.09
C THR D 51 1.55 13.20 -7.30
N GLY D 52 2.20 12.60 -8.28
CA GLY D 52 3.59 12.90 -8.64
C GLY D 52 4.37 11.63 -8.84
N GLU D 53 5.67 11.66 -8.54
CA GLU D 53 6.50 10.44 -8.64
C GLU D 53 6.03 9.35 -7.63
N GLY D 54 5.49 8.25 -8.16
CA GLY D 54 5.02 7.10 -7.39
C GLY D 54 6.06 6.60 -6.41
N GLU D 55 7.29 6.43 -6.90
CA GLU D 55 8.40 5.99 -6.04
C GLU D 55 8.53 6.87 -4.77
N ALA D 56 8.42 8.19 -4.90
CA ALA D 56 8.61 9.07 -3.74
C ALA D 56 7.39 9.05 -2.81
N ILE D 57 6.20 8.92 -3.40
CA ILE D 57 4.96 8.89 -2.60
C ILE D 57 4.90 7.58 -1.75
N ILE D 58 5.20 6.46 -2.40
CA ILE D 58 5.20 5.13 -1.75
C ILE D 58 6.23 5.00 -0.67
N ARG D 59 7.44 5.38 -0.98
CA ARG D 59 8.46 5.28 0.03
C ARG D 59 8.27 6.21 1.23
N GLY D 60 7.52 7.28 1.07
CA GLY D 60 7.28 8.25 2.17
C GLY D 60 5.92 8.11 2.82
N THR D 61 5.07 7.28 2.24
CA THR D 61 3.74 7.05 2.78
C THR D 61 3.17 8.45 2.99
N LEU D 62 3.21 9.23 1.93
CA LEU D 62 2.98 10.64 2.05
C LEU D 62 1.55 11.08 2.47
N ALA D 63 0.49 10.50 1.91
CA ALA D 63 -0.84 10.81 2.37
C ALA D 63 -0.98 10.60 3.89
N ARG D 64 -0.46 9.51 4.41
CA ARG D 64 -0.54 9.27 5.83
C ARG D 64 0.29 10.27 6.60
N GLU D 65 1.43 10.67 6.05
CA GLU D 65 2.34 11.59 6.74
C GLU D 65 1.67 12.88 7.19
N VAL D 66 0.88 13.45 6.30
CA VAL D 66 0.14 14.68 6.64
C VAL D 66 -0.67 14.44 7.94
N ALA D 67 -1.46 13.37 7.96
CA ALA D 67 -2.25 12.97 9.15
C ALA D 67 -1.36 12.81 10.37
N ALA D 68 -0.22 12.15 10.17
CA ALA D 68 0.73 11.90 11.24
C ALA D 68 1.26 13.18 11.80
N VAL D 69 1.64 14.15 10.98
CA VAL D 69 2.23 15.34 11.59
C VAL D 69 1.15 16.19 12.21
N MET D 70 -0.07 16.11 11.71
CA MET D 70 -1.14 16.77 12.41
C MET D 70 -1.24 16.13 13.77
N GLU D 71 -1.50 14.83 13.79
CA GLU D 71 -1.76 14.10 15.03
C GLU D 71 -0.61 14.10 16.08
N TYR D 72 0.64 13.94 15.66
CA TYR D 72 1.75 13.78 16.65
C TYR D 72 2.50 15.08 16.91
N LYS D 73 2.50 16.00 15.94
CA LYS D 73 3.16 17.28 16.12
C LYS D 73 2.16 18.40 16.31
N GLY D 74 0.88 18.12 16.19
CA GLY D 74 -0.13 19.14 16.44
C GLY D 74 -0.16 20.28 15.43
N LEU D 75 0.53 20.14 14.29
CA LEU D 75 0.44 21.17 13.23
C LEU D 75 -1.00 21.27 12.71
N LYS D 76 -1.42 22.47 12.34
CA LYS D 76 -2.68 22.66 11.63
C LYS D 76 -2.47 22.30 10.17
N LEU D 77 -3.55 22.25 9.42
CA LEU D 77 -3.54 21.61 8.09
C LEU D 77 -2.54 22.22 7.15
N HIS D 78 -2.51 23.54 7.13
CA HIS D 78 -1.67 24.26 6.17
C HIS D 78 -0.24 24.05 6.50
N GLN D 79 0.05 24.07 7.79
CA GLN D 79 1.43 23.88 8.23
C GLN D 79 1.80 22.41 7.95
N ALA D 80 0.86 21.50 8.20
CA ALA D 80 1.14 20.09 7.97
C ALA D 80 1.58 19.86 6.53
N VAL D 81 0.72 20.30 5.60
CA VAL D 81 1.02 20.19 4.21
C VAL D 81 2.32 20.89 3.84
N ASP D 82 2.53 22.16 4.23
CA ASP D 82 3.82 22.84 3.95
C ASP D 82 5.00 21.96 4.35
N PHE D 83 4.84 21.28 5.49
CA PHE D 83 5.93 20.54 6.12
C PHE D 83 6.27 19.28 5.39
N VAL D 84 5.25 18.52 5.04
CA VAL D 84 5.48 17.31 4.36
C VAL D 84 6.10 17.60 3.00
N ILE D 85 5.59 18.61 2.32
CA ILE D 85 6.12 18.94 1.02
C ILE D 85 7.53 19.44 1.09
N LYS D 86 7.79 20.43 1.92
CA LYS D 86 9.13 21.00 1.94
C LYS D 86 10.11 20.08 2.60
N HIS D 87 9.67 19.32 3.60
CA HIS D 87 10.65 18.59 4.43
C HIS D 87 10.56 17.04 4.36
N ARG D 88 9.83 16.47 3.42
CA ARG D 88 9.70 14.98 3.34
C ARG D 88 9.75 14.39 1.94
N LEU D 89 10.01 15.23 0.94
CA LEU D 89 10.46 14.81 -0.38
C LEU D 89 11.99 15.17 -0.49
N ASP D 90 12.87 14.24 -0.08
CA ASP D 90 14.32 14.53 -0.07
C ASP D 90 14.82 14.95 -1.48
N GLU D 91 14.25 14.33 -2.53
CA GLU D 91 14.47 14.73 -3.95
C GLU D 91 13.31 14.37 -4.89
N GLY D 92 12.41 13.48 -4.45
CA GLY D 92 11.26 13.11 -5.26
C GLY D 92 10.36 14.31 -5.56
N LYS D 93 9.51 14.18 -6.56
CA LYS D 93 8.60 15.27 -6.95
C LYS D 93 7.15 14.85 -6.79
N ALA D 94 6.40 15.64 -6.03
CA ALA D 94 5.00 15.33 -5.84
C ALA D 94 4.18 16.52 -5.42
N GLY D 95 2.88 16.32 -5.44
CA GLY D 95 1.96 17.25 -4.90
C GLY D 95 0.90 16.57 -4.11
N LEU D 96 0.18 17.38 -3.36
CA LEU D 96 -1.04 16.89 -2.75
C LEU D 96 -2.07 17.93 -2.40
N ILE D 97 -3.25 17.40 -2.10
CA ILE D 97 -4.41 18.16 -1.67
C ILE D 97 -5.00 17.48 -0.42
N ALA D 98 -5.56 18.31 0.44
CA ALA D 98 -6.02 17.87 1.75
C ALA D 98 -7.07 18.76 2.27
N VAL D 99 -7.83 18.16 3.17
CA VAL D 99 -8.83 18.85 3.97
C VAL D 99 -8.69 18.48 5.44
N SER D 100 -9.10 19.36 6.35
CA SER D 100 -9.11 19.02 7.76
C SER D 100 -10.53 18.92 8.26
N ASN D 101 -10.74 18.27 9.38
CA ASN D 101 -12.09 18.20 9.90
C ASN D 101 -12.58 19.55 10.39
N THR D 102 -11.67 20.51 10.62
CA THR D 102 -12.08 21.85 11.07
C THR D 102 -12.58 22.70 9.92
N GLY D 103 -12.49 22.21 8.69
CA GLY D 103 -13.00 22.93 7.56
C GLY D 103 -11.95 23.61 6.71
N GLU D 104 -10.67 23.30 6.93
CA GLU D 104 -9.65 23.94 6.13
C GLU D 104 -9.44 23.16 4.83
N VAL D 105 -8.81 23.78 3.82
CA VAL D 105 -8.43 23.06 2.59
C VAL D 105 -7.05 23.53 2.23
N ALA D 106 -6.18 22.63 1.79
CA ALA D 106 -4.81 22.99 1.45
C ALA D 106 -4.37 22.23 0.21
N CYS D 107 -3.45 22.84 -0.54
CA CYS D 107 -2.74 22.16 -1.62
C CYS D 107 -1.27 22.50 -1.54
N GLY D 108 -0.41 21.58 -1.95
CA GLY D 108 1.01 21.91 -2.14
C GLY D 108 1.75 21.01 -3.09
N PHE D 109 2.91 21.45 -3.58
CA PHE D 109 3.63 20.64 -4.56
C PHE D 109 4.99 21.26 -4.77
N ASN D 110 5.96 20.46 -5.17
CA ASN D 110 7.32 20.97 -5.35
C ASN D 110 7.78 21.01 -6.80
N CYS D 111 7.09 20.29 -7.68
CA CYS D 111 7.38 20.33 -9.13
C CYS D 111 6.82 21.62 -9.72
N ASN D 112 6.81 21.76 -11.02
CA ASN D 112 6.46 23.06 -11.63
C ASN D 112 4.96 23.34 -11.92
N GLY D 113 4.07 22.45 -11.54
CA GLY D 113 2.66 22.71 -11.73
C GLY D 113 1.79 21.61 -11.12
N MET D 114 0.53 21.92 -10.87
CA MET D 114 -0.47 20.93 -10.41
C MET D 114 -1.88 21.42 -10.70
N PHE D 115 -2.60 20.62 -11.48
CA PHE D 115 -3.94 20.92 -11.85
C PHE D 115 -4.72 20.77 -10.61
N ARG D 116 -5.29 21.83 -10.08
CA ARG D 116 -6.08 21.67 -8.86
C ARG D 116 -7.21 22.70 -8.70
N ALA D 117 -8.24 22.35 -7.94
CA ALA D 117 -9.22 23.35 -7.52
C ALA D 117 -9.60 23.12 -6.07
N CYS D 118 -10.01 24.18 -5.40
CA CYS D 118 -10.39 24.10 -3.97
CA CYS D 118 -10.44 24.07 -3.99
C CYS D 118 -11.52 25.12 -3.69
N ALA D 119 -12.35 24.82 -2.69
CA ALA D 119 -13.44 25.70 -2.23
C ALA D 119 -13.69 25.43 -0.77
N THR D 120 -14.14 26.47 -0.07
CA THR D 120 -14.73 26.31 1.24
C THR D 120 -16.12 26.95 1.22
N GLU D 121 -16.95 26.50 2.13
CA GLU D 121 -18.29 27.01 2.28
C GLU D 121 -18.34 28.52 2.54
N ASP D 122 -17.34 29.06 3.23
CA ASP D 122 -17.30 30.48 3.58
C ASP D 122 -17.31 31.31 2.31
N GLY D 123 -16.77 30.78 1.23
CA GLY D 123 -16.77 31.51 -0.03
C GLY D 123 -15.52 31.28 -0.83
N PHE D 124 -14.46 30.81 -0.17
CA PHE D 124 -13.17 30.69 -0.82
C PHE D 124 -13.29 29.80 -2.04
N MET D 125 -12.55 30.14 -3.09
CA MET D 125 -12.61 29.36 -4.29
C MET D 125 -11.46 29.70 -5.21
N GLU D 126 -10.81 28.70 -5.75
CA GLU D 126 -9.52 28.85 -6.42
C GLU D 126 -9.34 27.68 -7.43
N VAL D 127 -8.89 27.99 -8.65
CA VAL D 127 -8.65 26.95 -9.66
C VAL D 127 -7.33 27.33 -10.31
N ALA D 128 -6.36 26.42 -10.42
CA ALA D 128 -5.05 26.84 -10.88
C ALA D 128 -4.20 25.70 -11.41
N ILE D 129 -3.17 26.05 -12.14
CA ILE D 129 -2.23 25.11 -12.68
C ILE D 129 -0.85 25.38 -12.14
N TRP D 130 -0.40 26.64 -12.15
CA TRP D 130 0.93 26.98 -11.67
C TRP D 130 0.84 27.49 -10.24
N ASP D 131 1.77 28.36 -9.84
CA ASP D 131 1.81 28.89 -8.47
C ASP D 131 0.43 29.27 -7.94
#